data_7Q2F
#
_entry.id   7Q2F
#
_cell.length_a   57.110
_cell.length_b   57.110
_cell.length_c   204.460
_cell.angle_alpha   90.00
_cell.angle_beta   90.00
_cell.angle_gamma   120.00
#
_symmetry.space_group_name_H-M   'P 31 2 1'
#
loop_
_entity.id
_entity.type
_entity.pdbx_description
1 polymer 'Hydroxymycolate synthase MmaA4'
2 non-polymer 1,2-ETHANEDIOL
3 non-polymer 5,6-dimethyl-1~{H}-benzimidazol-2-amine
4 non-polymer 'DIMETHYL SULFOXIDE'
5 water water
#
_entity_poly.entity_id   1
_entity_poly.type   'polypeptide(L)'
_entity_poly.pdbx_seq_one_letter_code
;MGSSHYHHHHSSGLVPRGSHMAEKPISPTKTRTRFEDIQAHYDVSDDFFALFQDPTRTYSCAYFEPPELTLEEAQYAKVD
LNLDKLDLKPGMTLLDIGCGWGTTMRRAVERFDVNVIGLTLSKNQHARCEQVLASIDTNRSRQVLLQGWEDFAEPVDRIV
SIEAFEHFGHENYDDFFKRCFNIMPADGRMTVQSSVSYHPYEMAARGKKLSFETARFIKFIVTEIFPGGRLPSTEMMVEH
GEKAGFTVPEPLSLRPHYIKTLRIWGDTLQSNKDKAIEVTSEEVYNRYMKYLRGCEHYFTDEMLDCSLVTYLKPGAAA
;
_entity_poly.pdbx_strand_id   A
#
# COMPACT_ATOMS: atom_id res chain seq x y z
N ARG A 34 -19.84 10.77 13.92
CA ARG A 34 -20.77 11.02 12.79
C ARG A 34 -20.31 10.19 11.57
N PHE A 35 -19.17 10.57 10.97
CA PHE A 35 -18.56 9.89 9.79
C PHE A 35 -17.85 8.61 10.26
N GLU A 36 -17.19 8.66 11.42
CA GLU A 36 -16.50 7.51 12.07
C GLU A 36 -17.51 6.37 12.30
N ASP A 37 -18.73 6.71 12.71
CA ASP A 37 -19.83 5.75 13.04
C ASP A 37 -20.36 5.09 11.77
N ILE A 38 -20.65 5.88 10.72
CA ILE A 38 -21.29 5.41 9.46
C ILE A 38 -20.35 4.44 8.72
N GLN A 39 -19.06 4.79 8.62
CA GLN A 39 -18.04 4.01 7.87
C GLN A 39 -17.87 2.61 8.49
N ALA A 40 -18.13 2.47 9.80
CA ALA A 40 -17.97 1.22 10.58
C ALA A 40 -18.82 0.08 9.99
N HIS A 41 -19.87 0.42 9.24
CA HIS A 41 -20.79 -0.54 8.57
C HIS A 41 -20.00 -1.46 7.62
N TYR A 42 -18.90 -0.98 7.05
CA TYR A 42 -18.10 -1.72 6.02
C TYR A 42 -16.88 -2.38 6.65
N ASP A 43 -16.79 -2.38 7.98
CA ASP A 43 -15.79 -3.20 8.73
C ASP A 43 -16.05 -4.67 8.42
N VAL A 44 -14.99 -5.41 8.06
CA VAL A 44 -15.03 -6.87 7.77
C VAL A 44 -13.98 -7.56 8.65
N SER A 45 -14.31 -8.72 9.22
CA SER A 45 -13.43 -9.48 10.14
C SER A 45 -12.18 -9.95 9.40
N ASP A 46 -11.03 -9.98 10.08
CA ASP A 46 -9.72 -10.42 9.52
C ASP A 46 -9.88 -11.84 8.95
N ASP A 47 -10.81 -12.62 9.52
CA ASP A 47 -11.13 -14.02 9.15
C ASP A 47 -11.56 -14.10 7.69
N PHE A 48 -12.29 -13.09 7.22
CA PHE A 48 -12.81 -13.02 5.82
C PHE A 48 -11.63 -12.83 4.85
N PHE A 49 -10.76 -11.86 5.14
CA PHE A 49 -9.58 -11.51 4.32
C PHE A 49 -8.64 -12.71 4.21
N ALA A 50 -8.58 -13.56 5.25
CA ALA A 50 -7.78 -14.81 5.28
C ALA A 50 -8.26 -15.81 4.22
N LEU A 51 -9.52 -15.69 3.76
CA LEU A 51 -10.11 -16.61 2.77
C LEU A 51 -9.82 -16.16 1.33
N PHE A 52 -9.06 -15.08 1.09
CA PHE A 52 -8.62 -14.73 -0.29
C PHE A 52 -7.13 -14.36 -0.35
N GLN A 53 -6.54 -13.88 0.74
CA GLN A 53 -5.12 -13.43 0.75
C GLN A 53 -4.20 -14.64 0.95
N ASP A 54 -2.91 -14.46 0.66
CA ASP A 54 -1.83 -15.45 0.91
C ASP A 54 -1.61 -15.57 2.42
N PRO A 55 -0.82 -16.56 2.89
CA PRO A 55 -0.54 -16.71 4.32
C PRO A 55 0.02 -15.48 5.06
N THR A 56 0.76 -14.58 4.39
CA THR A 56 1.30 -13.34 5.03
C THR A 56 0.17 -12.31 5.25
N ARG A 57 -1.01 -12.54 4.69
CA ARG A 57 -2.18 -11.64 4.82
C ARG A 57 -1.79 -10.28 4.22
N THR A 58 -0.98 -10.28 3.16
CA THR A 58 -0.55 -9.04 2.45
C THR A 58 -1.69 -8.53 1.57
N TYR A 59 -2.17 -7.32 1.85
CA TYR A 59 -3.35 -6.70 1.19
C TYR A 59 -2.85 -5.59 0.25
N SER A 60 -1.96 -5.95 -0.66
CA SER A 60 -1.37 -5.02 -1.65
C SER A 60 -0.86 -5.82 -2.85
N CYS A 61 -0.54 -5.12 -3.93
CA CYS A 61 -0.05 -5.70 -5.20
C CYS A 61 1.19 -6.56 -4.95
N ALA A 62 1.18 -7.82 -5.38
CA ALA A 62 2.34 -8.73 -5.33
C ALA A 62 3.22 -8.41 -6.56
N TYR A 63 4.43 -8.96 -6.60
CA TYR A 63 5.42 -8.74 -7.69
C TYR A 63 5.88 -10.09 -8.24
N PHE A 64 5.27 -10.53 -9.34
CA PHE A 64 5.54 -11.84 -9.97
C PHE A 64 6.78 -11.73 -10.86
N GLU A 65 7.95 -11.59 -10.24
CA GLU A 65 9.27 -11.61 -10.90
C GLU A 65 10.17 -12.56 -10.12
N PRO A 66 10.50 -13.77 -10.63
CA PRO A 66 10.01 -14.26 -11.93
C PRO A 66 8.51 -14.51 -12.00
N PRO A 67 7.91 -14.59 -13.21
CA PRO A 67 6.47 -14.82 -13.35
C PRO A 67 5.94 -16.09 -12.66
N GLU A 68 6.83 -17.06 -12.37
CA GLU A 68 6.47 -18.41 -11.84
C GLU A 68 6.20 -18.35 -10.33
N LEU A 69 6.57 -17.26 -9.64
CA LEU A 69 6.42 -17.16 -8.16
C LEU A 69 4.95 -17.41 -7.79
N THR A 70 4.72 -18.08 -6.66
CA THR A 70 3.38 -18.16 -6.01
C THR A 70 3.00 -16.76 -5.51
N LEU A 71 1.73 -16.55 -5.14
CA LEU A 71 1.27 -15.27 -4.54
C LEU A 71 2.15 -14.94 -3.33
N GLU A 72 2.38 -15.89 -2.44
CA GLU A 72 3.15 -15.66 -1.19
C GLU A 72 4.58 -15.20 -1.55
N GLU A 73 5.25 -15.93 -2.44
CA GLU A 73 6.61 -15.60 -2.92
C GLU A 73 6.59 -14.19 -3.53
N ALA A 74 5.57 -13.90 -4.35
CA ALA A 74 5.38 -12.61 -5.05
C ALA A 74 5.20 -11.46 -4.04
N GLN A 75 4.59 -11.74 -2.89
CA GLN A 75 4.38 -10.72 -1.83
C GLN A 75 5.72 -10.38 -1.18
N TYR A 76 6.58 -11.38 -0.95
CA TYR A 76 7.96 -11.17 -0.44
C TYR A 76 8.77 -10.41 -1.50
N ALA A 77 8.59 -10.76 -2.78
CA ALA A 77 9.29 -10.12 -3.92
C ALA A 77 8.91 -8.63 -3.99
N LYS A 78 7.65 -8.28 -3.73
CA LYS A 78 7.17 -6.87 -3.73
C LYS A 78 7.83 -6.11 -2.58
N VAL A 79 7.97 -6.75 -1.42
CA VAL A 79 8.65 -6.13 -0.25
C VAL A 79 10.09 -5.84 -0.65
N ASP A 80 10.78 -6.80 -1.25
CA ASP A 80 12.18 -6.67 -1.69
C ASP A 80 12.30 -5.55 -2.73
N LEU A 81 11.35 -5.50 -3.68
CA LEU A 81 11.31 -4.48 -4.76
C LEU A 81 11.39 -3.08 -4.13
N ASN A 82 10.56 -2.85 -3.11
CA ASN A 82 10.50 -1.56 -2.36
C ASN A 82 11.82 -1.36 -1.60
N LEU A 83 12.20 -2.30 -0.73
CA LEU A 83 13.35 -2.13 0.19
C LEU A 83 14.63 -1.93 -0.63
N ASP A 84 14.77 -2.59 -1.77
CA ASP A 84 16.01 -2.56 -2.59
C ASP A 84 16.23 -1.15 -3.17
N LYS A 85 15.21 -0.30 -3.17
CA LYS A 85 15.28 1.07 -3.73
C LYS A 85 15.76 2.09 -2.69
N LEU A 86 15.90 1.71 -1.42
CA LEU A 86 15.99 2.70 -0.30
C LEU A 86 17.42 2.90 0.20
N ASP A 87 18.43 2.25 -0.37
CA ASP A 87 19.85 2.45 0.01
C ASP A 87 19.97 2.25 1.52
N LEU A 88 19.51 1.10 2.02
CA LEU A 88 19.51 0.79 3.47
C LEU A 88 20.89 0.26 3.87
N LYS A 89 21.49 0.85 4.89
CA LYS A 89 22.79 0.41 5.46
C LYS A 89 22.56 -0.03 6.90
N PRO A 90 23.39 -0.98 7.43
CA PRO A 90 23.25 -1.44 8.81
C PRO A 90 23.22 -0.26 9.80
N GLY A 91 22.31 -0.31 10.78
CA GLY A 91 22.21 0.68 11.86
C GLY A 91 21.34 1.87 11.49
N MET A 92 20.89 1.98 10.25
CA MET A 92 19.88 3.01 9.86
C MET A 92 18.54 2.65 10.51
N THR A 93 17.60 3.59 10.52
CA THR A 93 16.20 3.38 10.97
C THR A 93 15.24 3.54 9.79
N LEU A 94 14.47 2.51 9.49
CA LEU A 94 13.43 2.52 8.44
C LEU A 94 12.08 2.79 9.09
N LEU A 95 11.35 3.78 8.58
CA LEU A 95 9.95 4.06 8.95
C LEU A 95 9.05 3.36 7.93
N ASP A 96 8.11 2.54 8.41
CA ASP A 96 7.08 1.92 7.56
C ASP A 96 5.74 2.61 7.88
N ILE A 97 5.25 3.44 6.95
CA ILE A 97 3.96 4.17 7.12
C ILE A 97 2.83 3.29 6.57
N GLY A 98 1.99 2.78 7.47
CA GLY A 98 0.97 1.74 7.17
C GLY A 98 1.60 0.36 7.15
N CYS A 99 2.13 -0.09 8.28
CA CYS A 99 3.06 -1.25 8.36
C CYS A 99 2.31 -2.59 8.36
N GLY A 100 0.97 -2.57 8.28
CA GLY A 100 0.16 -3.79 8.11
C GLY A 100 0.45 -4.80 9.21
N TRP A 101 0.73 -6.06 8.85
CA TRP A 101 1.00 -7.17 9.81
C TRP A 101 2.51 -7.30 10.08
N GLY A 102 3.32 -6.36 9.60
CA GLY A 102 4.74 -6.23 9.96
C GLY A 102 5.68 -7.01 9.06
N THR A 103 5.19 -7.54 7.95
CA THR A 103 5.99 -8.33 6.97
C THR A 103 7.17 -7.50 6.45
N THR A 104 6.91 -6.26 6.06
CA THR A 104 7.93 -5.35 5.47
C THR A 104 9.03 -5.08 6.51
N MET A 105 8.66 -4.76 7.75
CA MET A 105 9.62 -4.39 8.81
C MET A 105 10.53 -5.58 9.15
N ARG A 106 9.94 -6.77 9.32
CA ARG A 106 10.70 -8.00 9.63
C ARG A 106 11.73 -8.24 8.53
N ARG A 107 11.28 -8.23 7.27
CA ARG A 107 12.15 -8.42 6.08
C ARG A 107 13.29 -7.39 6.10
N ALA A 108 12.99 -6.13 6.41
CA ALA A 108 13.99 -5.04 6.51
C ALA A 108 15.03 -5.37 7.59
N VAL A 109 14.60 -5.84 8.76
CA VAL A 109 15.52 -6.17 9.89
C VAL A 109 16.45 -7.31 9.45
N GLU A 110 15.87 -8.38 8.90
CA GLU A 110 16.60 -9.63 8.54
C GLU A 110 17.60 -9.36 7.40
N ARG A 111 17.22 -8.60 6.37
CA ARG A 111 18.03 -8.46 5.13
C ARG A 111 19.09 -7.36 5.32
N PHE A 112 18.75 -6.25 5.97
CA PHE A 112 19.55 -4.99 5.95
C PHE A 112 20.10 -4.64 7.33
N ASP A 113 19.70 -5.34 8.40
CA ASP A 113 20.23 -5.14 9.78
C ASP A 113 19.97 -3.68 10.18
N VAL A 114 18.71 -3.24 10.05
CA VAL A 114 18.26 -1.86 10.36
C VAL A 114 17.29 -1.89 11.55
N ASN A 115 17.21 -0.78 12.27
CA ASN A 115 16.12 -0.48 13.23
C ASN A 115 14.85 -0.18 12.42
N VAL A 116 13.68 -0.44 12.98
CA VAL A 116 12.38 -0.22 12.26
C VAL A 116 11.42 0.48 13.21
N ILE A 117 10.63 1.39 12.66
CA ILE A 117 9.44 2.00 13.32
C ILE A 117 8.28 1.82 12.34
N GLY A 118 7.18 1.25 12.83
CA GLY A 118 5.95 1.05 12.05
C GLY A 118 4.84 1.94 12.57
N LEU A 119 4.05 2.52 11.65
CA LEU A 119 2.80 3.23 11.98
C LEU A 119 1.62 2.42 11.42
N THR A 120 0.60 2.18 12.25
CA THR A 120 -0.70 1.59 11.83
C THR A 120 -1.81 2.21 12.69
N LEU A 121 -3.03 2.27 12.15
CA LEU A 121 -4.26 2.75 12.85
C LEU A 121 -5.05 1.55 13.40
N SER A 122 -4.63 0.31 13.07
CA SER A 122 -5.29 -0.96 13.47
C SER A 122 -4.67 -1.53 14.76
N LYS A 123 -5.45 -1.62 15.84
CA LYS A 123 -5.05 -2.24 17.13
C LYS A 123 -4.56 -3.67 16.89
N ASN A 124 -5.29 -4.44 16.07
CA ASN A 124 -4.97 -5.87 15.76
C ASN A 124 -3.60 -5.97 15.09
N GLN A 125 -3.32 -5.11 14.11
CA GLN A 125 -2.03 -5.07 13.38
C GLN A 125 -0.92 -4.63 14.34
N HIS A 126 -1.20 -3.65 15.21
CA HIS A 126 -0.24 -3.17 16.23
C HIS A 126 0.24 -4.35 17.08
N ALA A 127 -0.68 -5.11 17.69
CA ALA A 127 -0.37 -6.26 18.57
C ALA A 127 0.42 -7.31 17.79
N ARG A 128 -0.02 -7.63 16.58
CA ARG A 128 0.64 -8.65 15.72
C ARG A 128 2.07 -8.19 15.38
N CYS A 129 2.25 -6.92 15.00
CA CYS A 129 3.58 -6.34 14.66
C CYS A 129 4.53 -6.46 15.86
N GLU A 130 4.08 -6.10 17.07
CA GLU A 130 4.94 -6.15 18.29
C GLU A 130 5.47 -7.58 18.47
N GLN A 131 4.61 -8.57 18.20
CA GLN A 131 4.95 -10.00 18.36
C GLN A 131 5.89 -10.45 17.24
N VAL A 132 5.59 -10.07 15.99
CA VAL A 132 6.44 -10.37 14.81
C VAL A 132 7.85 -9.83 15.07
N LEU A 133 7.96 -8.56 15.46
CA LEU A 133 9.26 -7.88 15.65
C LEU A 133 10.02 -8.45 16.85
N ALA A 134 9.31 -8.79 17.94
CA ALA A 134 9.91 -9.36 19.17
C ALA A 134 10.50 -10.75 18.86
N SER A 135 9.85 -11.51 17.96
CA SER A 135 10.29 -12.86 17.53
C SER A 135 11.69 -12.81 16.91
N ILE A 136 12.10 -11.67 16.34
CA ILE A 136 13.31 -11.56 15.48
C ILE A 136 14.57 -11.65 16.35
N ASP A 137 15.53 -12.47 15.90
CA ASP A 137 16.86 -12.66 16.53
C ASP A 137 17.75 -11.48 16.14
N THR A 138 17.63 -10.36 16.87
CA THR A 138 18.33 -9.07 16.58
C THR A 138 18.47 -8.26 17.88
N ASN A 139 19.46 -7.36 17.91
CA ASN A 139 19.62 -6.31 18.96
C ASN A 139 19.15 -4.96 18.40
N ARG A 140 18.66 -4.93 17.15
CA ARG A 140 18.16 -3.69 16.53
C ARG A 140 16.86 -3.28 17.22
N SER A 141 16.63 -1.97 17.34
CA SER A 141 15.41 -1.34 17.89
C SER A 141 14.24 -1.61 16.95
N ARG A 142 13.12 -2.09 17.51
CA ARG A 142 11.86 -2.36 16.77
C ARG A 142 10.72 -1.71 17.54
N GLN A 143 9.99 -0.81 16.88
CA GLN A 143 8.91 -0.03 17.51
C GLN A 143 7.70 -0.01 16.57
N VAL A 144 6.50 -0.21 17.09
CA VAL A 144 5.25 -0.05 16.29
C VAL A 144 4.32 0.87 17.10
N LEU A 145 3.73 1.84 16.41
CA LEU A 145 2.98 2.96 17.02
C LEU A 145 1.57 2.99 16.44
N LEU A 146 0.57 2.98 17.31
CA LEU A 146 -0.86 3.16 16.93
C LEU A 146 -1.08 4.66 16.69
N GLN A 147 -0.65 5.16 15.54
CA GLN A 147 -0.79 6.59 15.17
C GLN A 147 -0.61 6.74 13.66
N GLY A 148 -1.06 7.88 13.14
CA GLY A 148 -0.86 8.30 11.74
C GLY A 148 0.46 9.05 11.59
N TRP A 149 0.92 9.23 10.35
CA TRP A 149 2.15 9.98 10.01
C TRP A 149 2.05 11.43 10.54
N GLU A 150 0.83 11.98 10.68
CA GLU A 150 0.61 13.38 11.14
C GLU A 150 1.20 13.54 12.54
N ASP A 151 1.17 12.48 13.36
CA ASP A 151 1.61 12.50 14.77
C ASP A 151 3.08 12.10 14.89
N PHE A 152 3.72 11.67 13.80
CA PHE A 152 5.10 11.13 13.82
C PHE A 152 6.09 12.21 13.36
N ALA A 153 7.02 12.59 14.23
CA ALA A 153 8.01 13.66 13.96
C ALA A 153 9.36 13.27 14.59
N GLU A 154 9.79 12.03 14.39
CA GLU A 154 11.10 11.53 14.87
C GLU A 154 12.02 11.36 13.67
N PRO A 155 13.33 11.66 13.82
CA PRO A 155 14.30 11.42 12.76
C PRO A 155 14.39 9.93 12.36
N VAL A 156 14.35 9.67 11.06
CA VAL A 156 14.50 8.31 10.45
C VAL A 156 15.33 8.45 9.18
N ASP A 157 15.98 7.38 8.73
CA ASP A 157 16.93 7.42 7.58
C ASP A 157 16.15 7.26 6.27
N ARG A 158 15.17 6.35 6.24
CA ARG A 158 14.46 5.93 5.01
C ARG A 158 13.00 5.66 5.34
N ILE A 159 12.12 5.76 4.34
CA ILE A 159 10.65 5.59 4.52
C ILE A 159 10.13 4.66 3.43
N VAL A 160 9.28 3.71 3.83
CA VAL A 160 8.51 2.81 2.92
C VAL A 160 7.03 2.97 3.28
N SER A 161 6.17 3.06 2.27
CA SER A 161 4.71 3.10 2.46
C SER A 161 4.04 2.36 1.31
N ILE A 162 3.46 1.19 1.61
CA ILE A 162 2.85 0.29 0.59
C ILE A 162 1.32 0.34 0.75
N GLU A 163 0.66 1.04 -0.17
CA GLU A 163 -0.82 1.12 -0.34
C GLU A 163 -1.49 1.56 0.97
N ALA A 164 -0.93 2.58 1.60
CA ALA A 164 -1.57 3.39 2.68
C ALA A 164 -1.98 4.77 2.15
N PHE A 165 -1.29 5.26 1.11
CA PHE A 165 -1.37 6.64 0.54
C PHE A 165 -2.78 6.97 0.03
N GLU A 166 -3.52 5.95 -0.42
CA GLU A 166 -4.91 6.08 -0.96
C GLU A 166 -5.85 6.63 0.13
N HIS A 167 -5.49 6.53 1.41
CA HIS A 167 -6.33 7.00 2.55
C HIS A 167 -6.02 8.46 2.93
N PHE A 168 -4.90 9.04 2.49
CA PHE A 168 -4.37 10.30 3.08
C PHE A 168 -5.25 11.49 2.73
N GLY A 169 -5.84 11.52 1.53
CA GLY A 169 -6.67 12.65 1.04
C GLY A 169 -5.84 13.72 0.37
N HIS A 170 -6.32 14.27 -0.74
CA HIS A 170 -5.59 15.21 -1.64
C HIS A 170 -5.11 16.44 -0.87
N GLU A 171 -5.93 16.97 0.04
CA GLU A 171 -5.64 18.19 0.84
C GLU A 171 -4.44 17.97 1.76
N ASN A 172 -4.03 16.72 2.00
CA ASN A 172 -2.99 16.36 2.99
C ASN A 172 -1.65 16.02 2.31
N TYR A 173 -1.59 15.95 0.97
CA TYR A 173 -0.40 15.45 0.24
C TYR A 173 0.80 16.38 0.52
N ASP A 174 0.59 17.69 0.48
CA ASP A 174 1.68 18.68 0.72
C ASP A 174 2.27 18.47 2.12
N ASP A 175 1.43 18.36 3.16
CA ASP A 175 1.88 18.10 4.55
C ASP A 175 2.63 16.76 4.64
N PHE A 176 2.15 15.73 3.94
CA PHE A 176 2.76 14.38 3.96
C PHE A 176 4.19 14.44 3.42
N PHE A 177 4.40 15.00 2.23
CA PHE A 177 5.74 15.03 1.59
C PHE A 177 6.68 15.96 2.37
N LYS A 178 6.16 17.06 2.92
CA LYS A 178 6.97 17.99 3.76
C LYS A 178 7.45 17.24 5.00
N ARG A 179 6.56 16.51 5.67
CA ARG A 179 6.91 15.72 6.89
C ARG A 179 8.01 14.72 6.52
N CYS A 180 7.82 13.96 5.43
CA CYS A 180 8.74 12.87 5.02
C CYS A 180 10.10 13.48 4.66
N PHE A 181 10.11 14.62 3.99
CA PHE A 181 11.36 15.34 3.63
C PHE A 181 12.08 15.75 4.92
N ASN A 182 11.34 16.32 5.87
CA ASN A 182 11.90 16.99 7.08
C ASN A 182 12.46 15.97 8.09
N ILE A 183 11.91 14.74 8.17
CA ILE A 183 12.34 13.76 9.22
C ILE A 183 13.57 12.97 8.75
N MET A 184 13.90 13.04 7.46
CA MET A 184 15.01 12.25 6.87
C MET A 184 16.27 13.09 6.79
N PRO A 185 17.45 12.43 6.80
CA PRO A 185 18.74 13.11 6.66
C PRO A 185 18.95 13.52 5.20
N ALA A 186 20.11 14.14 4.91
CA ALA A 186 20.43 14.69 3.57
C ALA A 186 20.36 13.58 2.50
N ASP A 187 20.71 12.33 2.83
CA ASP A 187 20.75 11.21 1.84
C ASP A 187 19.44 10.41 1.86
N GLY A 188 18.35 10.99 2.40
CA GLY A 188 17.07 10.28 2.59
C GLY A 188 16.46 9.79 1.29
N ARG A 189 15.74 8.66 1.36
CA ARG A 189 14.94 8.11 0.24
C ARG A 189 13.63 7.56 0.80
N MET A 190 12.59 7.60 -0.03
CA MET A 190 11.25 7.05 0.33
C MET A 190 10.67 6.36 -0.90
N THR A 191 9.98 5.24 -0.71
CA THR A 191 9.09 4.65 -1.73
C THR A 191 7.65 4.74 -1.23
N VAL A 192 6.76 5.11 -2.12
CA VAL A 192 5.29 5.05 -1.93
C VAL A 192 4.73 4.20 -3.07
N GLN A 193 4.11 3.10 -2.72
CA GLN A 193 3.33 2.26 -3.66
C GLN A 193 1.86 2.59 -3.46
N SER A 194 1.15 2.94 -4.53
CA SER A 194 -0.27 3.33 -4.46
C SER A 194 -0.97 2.96 -5.75
N SER A 195 -2.20 2.44 -5.65
CA SER A 195 -3.16 2.43 -6.77
C SER A 195 -3.44 3.88 -7.18
N VAL A 196 -3.70 4.10 -8.46
CA VAL A 196 -3.91 5.45 -9.05
C VAL A 196 -5.00 5.33 -10.10
N SER A 197 -5.65 6.47 -10.35
CA SER A 197 -6.56 6.73 -11.49
C SER A 197 -5.94 7.83 -12.34
N TYR A 198 -6.67 8.29 -13.36
CA TYR A 198 -6.28 9.40 -14.26
C TYR A 198 -7.36 10.49 -14.21
N HIS A 199 -6.96 11.76 -14.22
CA HIS A 199 -7.86 12.93 -14.50
C HIS A 199 -8.27 12.84 -15.97
N PRO A 200 -9.51 13.22 -16.36
CA PRO A 200 -9.89 13.25 -17.77
C PRO A 200 -8.97 14.09 -18.67
N TYR A 201 -8.37 15.15 -18.12
CA TYR A 201 -7.43 16.06 -18.83
C TYR A 201 -6.18 15.29 -19.32
N GLU A 202 -5.85 14.17 -18.66
CA GLU A 202 -4.71 13.28 -18.99
C GLU A 202 -5.08 12.24 -20.05
N MET A 203 -6.37 12.09 -20.35
CA MET A 203 -6.87 10.97 -21.19
C MET A 203 -7.33 11.49 -22.56
N ALA A 204 -7.20 10.63 -23.58
CA ALA A 204 -7.71 10.83 -24.95
C ALA A 204 -9.22 10.50 -24.95
N ALA A 205 -9.84 10.47 -26.13
CA ALA A 205 -11.29 10.24 -26.33
C ALA A 205 -11.72 8.93 -25.66
N ARG A 206 -10.92 7.86 -25.80
CA ARG A 206 -11.24 6.50 -25.26
C ARG A 206 -11.37 6.58 -23.73
N GLY A 207 -10.33 7.06 -23.04
CA GLY A 207 -10.29 7.20 -21.57
C GLY A 207 -11.39 8.12 -21.05
N LYS A 208 -11.60 9.27 -21.68
CA LYS A 208 -12.66 10.23 -21.28
C LYS A 208 -14.03 9.52 -21.28
N LYS A 209 -14.33 8.73 -22.31
CA LYS A 209 -15.64 8.04 -22.45
C LYS A 209 -15.82 6.98 -21.35
N LEU A 210 -14.72 6.29 -20.95
CA LEU A 210 -14.72 5.25 -19.88
C LEU A 210 -14.60 5.89 -18.50
N SER A 211 -14.40 7.21 -18.43
CA SER A 211 -14.12 7.96 -17.17
C SER A 211 -15.32 7.84 -16.23
N PHE A 212 -16.55 7.94 -16.77
CA PHE A 212 -17.80 7.97 -15.96
C PHE A 212 -17.97 6.64 -15.23
N GLU A 213 -17.81 5.54 -15.98
CA GLU A 213 -17.94 4.14 -15.51
C GLU A 213 -16.85 3.85 -14.49
N THR A 214 -15.62 4.28 -14.78
CA THR A 214 -14.46 4.10 -13.86
C THR A 214 -14.69 4.93 -12.59
N ALA A 215 -15.13 6.19 -12.73
CA ALA A 215 -15.39 7.09 -11.59
C ALA A 215 -16.46 6.46 -10.68
N ARG A 216 -17.52 5.88 -11.25
CA ARG A 216 -18.60 5.23 -10.47
C ARG A 216 -18.05 4.00 -9.73
N PHE A 217 -17.18 3.22 -10.36
CA PHE A 217 -16.54 2.03 -9.74
C PHE A 217 -15.61 2.50 -8.62
N ILE A 218 -14.82 3.55 -8.84
CA ILE A 218 -13.91 4.12 -7.81
C ILE A 218 -14.74 4.59 -6.62
N LYS A 219 -15.88 5.25 -6.86
CA LYS A 219 -16.79 5.73 -5.79
C LYS A 219 -17.21 4.53 -4.93
N PHE A 220 -17.54 3.41 -5.55
CA PHE A 220 -17.93 2.14 -4.85
C PHE A 220 -16.75 1.68 -3.97
N ILE A 221 -15.54 1.65 -4.52
CA ILE A 221 -14.31 1.21 -3.76
C ILE A 221 -14.14 2.10 -2.53
N VAL A 222 -14.20 3.42 -2.69
CA VAL A 222 -13.83 4.39 -1.60
C VAL A 222 -15.04 4.63 -0.69
N THR A 223 -16.17 3.97 -0.96
CA THR A 223 -17.37 3.97 -0.09
C THR A 223 -17.44 2.67 0.71
N GLU A 224 -17.33 1.52 0.05
CA GLU A 224 -17.74 0.20 0.59
C GLU A 224 -16.55 -0.74 0.85
N ILE A 225 -15.38 -0.49 0.25
CA ILE A 225 -14.18 -1.38 0.39
C ILE A 225 -13.13 -0.68 1.27
N PHE A 226 -12.76 0.56 0.92
CA PHE A 226 -11.79 1.40 1.69
C PHE A 226 -12.47 2.73 2.01
N PRO A 227 -13.40 2.77 2.99
CA PRO A 227 -14.14 3.99 3.29
C PRO A 227 -13.21 5.19 3.55
N GLY A 228 -13.61 6.37 3.07
CA GLY A 228 -12.88 7.63 3.26
C GLY A 228 -11.68 7.74 2.32
N GLY A 229 -11.47 6.75 1.45
CA GLY A 229 -10.33 6.71 0.50
C GLY A 229 -10.44 7.76 -0.58
N ARG A 230 -9.32 8.08 -1.22
CA ARG A 230 -9.27 9.02 -2.38
C ARG A 230 -8.03 8.66 -3.21
N LEU A 231 -8.22 8.15 -4.43
CA LEU A 231 -7.10 7.72 -5.30
C LEU A 231 -6.40 8.98 -5.79
N PRO A 232 -5.05 9.00 -5.76
CA PRO A 232 -4.31 10.01 -6.49
C PRO A 232 -4.20 9.59 -7.95
N SER A 233 -3.58 10.42 -8.77
CA SER A 233 -2.96 10.03 -10.05
C SER A 233 -1.45 9.88 -9.81
N THR A 234 -0.75 9.17 -10.69
CA THR A 234 0.73 9.12 -10.68
C THR A 234 1.26 10.56 -10.74
N GLU A 235 0.68 11.39 -11.61
CA GLU A 235 1.13 12.79 -11.82
C GLU A 235 1.08 13.56 -10.47
N MET A 236 0.01 13.39 -9.69
CA MET A 236 -0.12 14.00 -8.35
C MET A 236 0.99 13.47 -7.41
N MET A 237 1.19 12.16 -7.36
CA MET A 237 2.21 11.52 -6.49
C MET A 237 3.58 12.11 -6.81
N VAL A 238 3.88 12.28 -8.10
CA VAL A 238 5.17 12.84 -8.58
C VAL A 238 5.26 14.33 -8.21
N GLU A 239 4.28 15.13 -8.60
CA GLU A 239 4.37 16.61 -8.53
C GLU A 239 4.38 17.06 -7.05
N HIS A 240 3.63 16.39 -6.18
CA HIS A 240 3.62 16.70 -4.72
C HIS A 240 5.00 16.41 -4.12
N GLY A 241 5.63 15.32 -4.51
CA GLY A 241 7.00 15.00 -4.05
C GLY A 241 7.99 16.06 -4.51
N GLU A 242 7.91 16.46 -5.78
CA GLU A 242 8.83 17.46 -6.38
C GLU A 242 8.66 18.81 -5.64
N LYS A 243 7.42 19.20 -5.36
CA LYS A 243 7.12 20.49 -4.66
C LYS A 243 7.79 20.49 -3.28
N ALA A 244 7.91 19.33 -2.63
CA ALA A 244 8.54 19.18 -1.30
C ALA A 244 10.07 19.18 -1.40
N GLY A 245 10.63 19.04 -2.61
CA GLY A 245 12.08 19.16 -2.86
C GLY A 245 12.71 17.82 -3.24
N PHE A 246 11.91 16.78 -3.44
CA PHE A 246 12.40 15.43 -3.82
C PHE A 246 12.68 15.36 -5.32
N THR A 247 13.73 14.62 -5.69
CA THR A 247 13.97 14.10 -7.06
C THR A 247 13.13 12.85 -7.25
N VAL A 248 12.39 12.76 -8.35
CA VAL A 248 11.44 11.64 -8.61
C VAL A 248 11.78 11.02 -9.95
N PRO A 249 12.47 9.85 -9.95
CA PRO A 249 12.73 9.11 -11.18
C PRO A 249 11.41 8.58 -11.77
N GLU A 250 11.49 7.89 -12.90
CA GLU A 250 10.28 7.38 -13.59
C GLU A 250 9.59 6.39 -12.67
N PRO A 251 8.32 6.62 -12.27
CA PRO A 251 7.60 5.65 -11.46
C PRO A 251 7.50 4.28 -12.15
N LEU A 252 7.51 3.21 -11.37
CA LEU A 252 7.31 1.83 -11.88
C LEU A 252 5.82 1.51 -11.86
N SER A 253 5.23 1.15 -13.01
CA SER A 253 3.85 0.64 -13.10
C SER A 253 3.86 -0.83 -12.69
N LEU A 254 3.00 -1.22 -11.73
CA LEU A 254 2.81 -2.62 -11.29
C LEU A 254 1.51 -3.18 -11.90
N ARG A 255 0.94 -2.50 -12.89
CA ARG A 255 -0.40 -2.84 -13.47
C ARG A 255 -0.50 -4.33 -13.77
N PRO A 256 0.39 -4.94 -14.60
CA PRO A 256 0.24 -6.36 -14.93
C PRO A 256 0.32 -7.25 -13.69
N HIS A 257 1.11 -6.85 -12.67
CA HIS A 257 1.25 -7.59 -11.39
C HIS A 257 -0.04 -7.51 -10.58
N TYR A 258 -0.74 -6.37 -10.60
CA TYR A 258 -2.00 -6.22 -9.81
C TYR A 258 -3.10 -7.03 -10.49
N ILE A 259 -3.10 -7.08 -11.82
CA ILE A 259 -4.05 -7.93 -12.61
C ILE A 259 -3.91 -9.37 -12.11
N LYS A 260 -2.68 -9.90 -12.09
CA LYS A 260 -2.40 -11.29 -11.63
C LYS A 260 -2.81 -11.44 -10.16
N THR A 261 -2.52 -10.45 -9.32
CA THR A 261 -2.83 -10.47 -7.87
C THR A 261 -4.35 -10.57 -7.68
N LEU A 262 -5.09 -9.69 -8.35
CA LEU A 262 -6.58 -9.60 -8.25
C LEU A 262 -7.23 -10.87 -8.80
N ARG A 263 -6.66 -11.45 -9.86
CA ARG A 263 -7.12 -12.74 -10.45
C ARG A 263 -7.03 -13.83 -9.37
N ILE A 264 -5.90 -13.95 -8.68
CA ILE A 264 -5.68 -15.00 -7.65
C ILE A 264 -6.59 -14.73 -6.46
N TRP A 265 -6.67 -13.48 -5.97
CA TRP A 265 -7.57 -13.09 -4.85
C TRP A 265 -9.02 -13.44 -5.20
N GLY A 266 -9.46 -13.10 -6.40
CA GLY A 266 -10.82 -13.40 -6.89
C GLY A 266 -11.08 -14.90 -6.93
N ASP A 267 -10.19 -15.68 -7.54
CA ASP A 267 -10.32 -17.15 -7.72
C ASP A 267 -10.35 -17.80 -6.33
N THR A 268 -9.51 -17.32 -5.40
CA THR A 268 -9.40 -17.89 -4.03
C THR A 268 -10.69 -17.61 -3.25
N LEU A 269 -11.16 -16.35 -3.24
CA LEU A 269 -12.42 -15.97 -2.55
C LEU A 269 -13.57 -16.82 -3.07
N GLN A 270 -13.68 -16.97 -4.40
CA GLN A 270 -14.76 -17.75 -5.06
C GLN A 270 -14.68 -19.22 -4.64
N SER A 271 -13.47 -19.80 -4.59
CA SER A 271 -13.24 -21.21 -4.15
C SER A 271 -13.66 -21.36 -2.69
N ASN A 272 -13.70 -20.27 -1.93
CA ASN A 272 -14.03 -20.24 -0.48
C ASN A 272 -15.40 -19.57 -0.24
N LYS A 273 -16.29 -19.58 -1.23
CA LYS A 273 -17.62 -18.90 -1.18
C LYS A 273 -18.36 -19.28 0.11
N ASP A 274 -18.65 -20.57 0.30
CA ASP A 274 -19.45 -21.09 1.43
C ASP A 274 -18.86 -20.59 2.76
N LYS A 275 -17.55 -20.72 2.95
CA LYS A 275 -16.85 -20.35 4.21
C LYS A 275 -16.91 -18.84 4.39
N ALA A 276 -16.75 -18.06 3.31
CA ALA A 276 -16.76 -16.59 3.32
C ALA A 276 -18.13 -16.07 3.77
N ILE A 277 -19.21 -16.68 3.26
CA ILE A 277 -20.63 -16.29 3.56
C ILE A 277 -20.92 -16.62 5.04
N GLU A 278 -20.43 -17.76 5.52
CA GLU A 278 -20.58 -18.19 6.95
C GLU A 278 -19.96 -17.12 7.86
N VAL A 279 -18.74 -16.68 7.53
CA VAL A 279 -17.93 -15.75 8.36
C VAL A 279 -18.54 -14.33 8.31
N THR A 280 -19.18 -13.96 7.20
CA THR A 280 -19.79 -12.62 7.01
C THR A 280 -21.23 -12.80 6.52
N SER A 281 -21.48 -12.57 5.22
CA SER A 281 -22.83 -12.67 4.60
C SER A 281 -22.70 -12.82 3.09
N GLU A 282 -23.79 -13.18 2.41
CA GLU A 282 -23.84 -13.22 0.94
C GLU A 282 -23.53 -11.82 0.41
N GLU A 283 -24.06 -10.78 1.06
CA GLU A 283 -23.81 -9.36 0.69
C GLU A 283 -22.31 -9.11 0.68
N VAL A 284 -21.60 -9.44 1.76
CA VAL A 284 -20.15 -9.11 1.91
C VAL A 284 -19.36 -9.91 0.87
N TYR A 285 -19.69 -11.19 0.65
CA TYR A 285 -19.05 -12.03 -0.39
C TYR A 285 -19.24 -11.36 -1.77
N ASN A 286 -20.48 -11.03 -2.13
CA ASN A 286 -20.81 -10.40 -3.44
C ASN A 286 -20.07 -9.07 -3.58
N ARG A 287 -19.96 -8.30 -2.48
CA ARG A 287 -19.27 -6.98 -2.46
C ARG A 287 -17.80 -7.19 -2.85
N TYR A 288 -17.12 -8.16 -2.24
CA TYR A 288 -15.66 -8.34 -2.46
C TYR A 288 -15.42 -9.03 -3.81
N MET A 289 -16.33 -9.88 -4.29
CA MET A 289 -16.20 -10.43 -5.66
C MET A 289 -16.31 -9.27 -6.67
N LYS A 290 -17.25 -8.34 -6.47
CA LYS A 290 -17.45 -7.16 -7.37
C LYS A 290 -16.18 -6.30 -7.34
N TYR A 291 -15.65 -6.03 -6.15
CA TYR A 291 -14.37 -5.30 -5.93
C TYR A 291 -13.24 -5.98 -6.72
N LEU A 292 -13.01 -7.27 -6.48
CA LEU A 292 -11.81 -7.98 -7.01
C LEU A 292 -11.93 -8.14 -8.52
N ARG A 293 -13.06 -8.65 -9.02
CA ARG A 293 -13.30 -8.82 -10.48
C ARG A 293 -13.29 -7.44 -11.15
N GLY A 294 -13.93 -6.43 -10.53
CA GLY A 294 -14.02 -5.06 -11.06
C GLY A 294 -12.64 -4.41 -11.21
N CYS A 295 -11.79 -4.49 -10.18
CA CYS A 295 -10.43 -3.92 -10.22
C CYS A 295 -9.62 -4.61 -11.34
N GLU A 296 -9.71 -5.94 -11.44
CA GLU A 296 -8.98 -6.69 -12.49
C GLU A 296 -9.42 -6.17 -13.86
N HIS A 297 -10.71 -5.94 -14.06
CA HIS A 297 -11.28 -5.39 -15.32
C HIS A 297 -10.70 -4.01 -15.61
N TYR A 298 -10.80 -3.06 -14.68
CA TYR A 298 -10.40 -1.64 -14.92
C TYR A 298 -8.88 -1.51 -15.03
N PHE A 299 -8.11 -2.36 -14.35
CA PHE A 299 -6.63 -2.45 -14.54
C PHE A 299 -6.37 -2.94 -15.98
N THR A 300 -7.03 -4.01 -16.41
CA THR A 300 -6.84 -4.61 -17.77
C THR A 300 -7.19 -3.58 -18.84
N ASP A 301 -8.29 -2.84 -18.65
CA ASP A 301 -8.75 -1.77 -19.58
C ASP A 301 -7.91 -0.51 -19.41
N GLU A 302 -6.93 -0.50 -18.49
CA GLU A 302 -5.90 0.56 -18.31
C GLU A 302 -6.56 1.86 -17.84
N MET A 303 -7.66 1.77 -17.09
CA MET A 303 -8.34 2.95 -16.48
C MET A 303 -7.89 3.10 -15.03
N LEU A 304 -7.22 2.08 -14.47
CA LEU A 304 -6.50 2.15 -13.16
C LEU A 304 -5.04 1.77 -13.39
N ASP A 305 -4.17 2.21 -12.48
CA ASP A 305 -2.74 1.82 -12.48
C ASP A 305 -2.32 1.64 -11.04
N CYS A 306 -1.11 1.13 -10.84
CA CYS A 306 -0.47 1.04 -9.51
C CYS A 306 0.99 1.46 -9.70
N SER A 307 1.40 2.51 -9.00
CA SER A 307 2.72 3.16 -9.17
C SER A 307 3.58 2.91 -7.94
N LEU A 308 4.79 2.42 -8.14
CA LEU A 308 5.84 2.44 -7.09
C LEU A 308 6.74 3.64 -7.38
N VAL A 309 6.58 4.71 -6.59
CA VAL A 309 7.27 6.00 -6.82
C VAL A 309 8.41 6.12 -5.82
N THR A 310 9.58 6.49 -6.31
CA THR A 310 10.79 6.71 -5.48
C THR A 310 10.97 8.21 -5.30
N TYR A 311 11.23 8.63 -4.06
CA TYR A 311 11.48 10.04 -3.68
C TYR A 311 12.89 10.12 -3.10
N LEU A 312 13.77 10.84 -3.81
CA LEU A 312 15.21 10.98 -3.44
C LEU A 312 15.46 12.40 -2.95
N LYS A 313 16.03 12.56 -1.75
CA LYS A 313 16.42 13.89 -1.25
C LYS A 313 17.61 14.39 -2.06
N PRO A 314 17.88 15.71 -2.10
CA PRO A 314 18.99 16.27 -2.87
C PRO A 314 20.33 15.56 -2.65
N GLY A 315 20.63 15.13 -1.42
CA GLY A 315 21.91 14.49 -1.06
C GLY A 315 21.85 12.97 -1.12
N ALA A 316 20.85 12.38 -1.79
CA ALA A 316 20.69 10.91 -1.93
C ALA A 316 21.90 10.34 -2.68
N ALA A 317 22.46 9.22 -2.21
CA ALA A 317 23.58 8.47 -2.86
C ALA A 317 23.17 8.13 -4.30
N ALA A 318 24.13 8.13 -5.23
CA ALA A 318 23.92 7.96 -6.69
C ALA A 318 23.35 6.56 -6.98
#